data_2FK8
#
_entry.id   2FK8
#
_cell.length_a   56.779
_cell.length_b   56.779
_cell.length_c   199.035
_cell.angle_alpha   90.00
_cell.angle_beta   90.00
_cell.angle_gamma   120.00
#
_symmetry.space_group_name_H-M   'P 31 2 1'
#
loop_
_entity.id
_entity.type
_entity.pdbx_description
1 polymer 'methoxy mycolic acid synthase 4'
2 non-polymer S-ADENOSYLMETHIONINE
3 water water
#
_entity_poly.entity_id   1
_entity_poly.type   'polypeptide(L)'
_entity_poly.pdbx_seq_one_letter_code
;MGSSHYHHHHSSGLVPRGSHMAEKPISPTKTRTRFEDIQAHYDVSDDFFALFQDPTRTYSCAYFEPPELTLEEAQYAKVD
LNLDKLDLKPGMTLLDIGCGWGTTMRRAVERFDVNVIGLTLSKNQHARCEQVLASIDTNRSRQVLLQGWEDFAEPVDRIV
SIEAFEHFGHENYDDFFKRCFNIMPADGRMTVQSSVSYHPYEMAARGKKLSFETARFIKFIVTEIFPGGRLPSTEMMVEH
GEKAGFTVPEPLSLRPHYIKTLRIWGDTLQSNKDKAIEVTSEEVYNRYMKYLRGCEHYFTDEMLDCSLVTYLKPGAAA
;
_entity_poly.pdbx_strand_id   A
#
# COMPACT_ATOMS: atom_id res chain seq x y z
N ILE A 38 -2.06 13.51 19.21
CA ILE A 38 -0.58 13.47 19.08
C ILE A 38 -0.11 12.86 17.74
N GLN A 39 -0.77 11.78 17.32
CA GLN A 39 -0.58 11.19 15.99
C GLN A 39 -1.03 12.17 14.89
N ALA A 40 -1.90 13.10 15.29
CA ALA A 40 -2.36 14.18 14.42
C ALA A 40 -1.28 15.25 14.14
N HIS A 41 -0.27 15.35 15.03
CA HIS A 41 0.89 16.22 14.82
C HIS A 41 1.61 15.91 13.50
N TYR A 42 1.42 14.69 13.03
CA TYR A 42 2.13 14.15 11.89
C TYR A 42 1.28 14.07 10.62
N ASP A 43 0.11 14.71 10.60
CA ASP A 43 -0.70 14.88 9.37
C ASP A 43 0.00 15.85 8.42
N VAL A 44 0.07 15.52 7.12
CA VAL A 44 0.63 16.47 6.13
C VAL A 44 -0.30 16.66 4.92
N SER A 45 -0.25 17.87 4.35
CA SER A 45 -1.14 18.28 3.27
C SER A 45 -0.81 17.57 1.97
N ASP A 46 -1.81 17.50 1.09
CA ASP A 46 -1.63 16.92 -0.21
C ASP A 46 -0.62 17.71 -1.08
N ASP A 47 -0.48 19.01 -0.76
CA ASP A 47 0.55 19.90 -1.30
C ASP A 47 1.95 19.27 -1.21
N PHE A 48 2.27 18.79 -0.01
CA PHE A 48 3.62 18.28 0.27
C PHE A 48 3.89 16.98 -0.49
N PHE A 49 2.92 16.07 -0.49
CA PHE A 49 3.10 14.78 -1.16
C PHE A 49 3.28 14.93 -2.67
N ALA A 50 2.64 15.97 -3.25
CA ALA A 50 2.76 16.28 -4.67
C ALA A 50 4.17 16.71 -5.05
N LEU A 51 5.01 17.03 -4.06
CA LEU A 51 6.37 17.49 -4.29
C LEU A 51 7.36 16.35 -4.36
N PHE A 52 6.91 15.11 -4.11
CA PHE A 52 7.73 13.92 -4.39
C PHE A 52 7.04 12.81 -5.21
N GLN A 53 5.72 12.71 -5.11
CA GLN A 53 4.98 11.67 -5.84
C GLN A 53 4.76 12.02 -7.31
N ASP A 54 4.58 11.01 -8.17
CA ASP A 54 4.27 11.21 -9.58
C ASP A 54 2.82 11.75 -9.68
N PRO A 55 2.38 12.15 -10.89
CA PRO A 55 1.06 12.77 -10.98
C PRO A 55 -0.13 11.83 -10.63
N THR A 56 0.07 10.51 -10.62
CA THR A 56 -0.98 9.65 -10.11
C THR A 56 -1.16 9.75 -8.58
N ARG A 57 -0.22 10.38 -7.89
CA ARG A 57 -0.27 10.45 -6.40
C ARG A 57 -0.28 9.06 -5.74
N THR A 58 0.41 8.10 -6.36
CA THR A 58 0.55 6.77 -5.76
C THR A 58 1.65 6.86 -4.68
N TYR A 59 1.32 6.38 -3.49
CA TYR A 59 2.21 6.37 -2.36
C TYR A 59 2.54 4.91 -1.97
N SER A 60 3.20 4.19 -2.87
CA SER A 60 3.55 2.80 -2.67
C SER A 60 4.55 2.39 -3.76
N CYS A 61 5.21 1.24 -3.54
CA CYS A 61 6.26 0.74 -4.40
C CYS A 61 5.79 0.68 -5.84
N ALA A 62 6.58 1.21 -6.78
CA ALA A 62 6.22 1.12 -8.19
C ALA A 62 6.71 -0.19 -8.78
N TYR A 63 6.40 -0.46 -10.05
CA TYR A 63 6.86 -1.70 -10.67
C TYR A 63 7.52 -1.41 -12.01
N PHE A 64 8.85 -1.40 -11.99
CA PHE A 64 9.62 -1.01 -13.17
C PHE A 64 9.87 -2.23 -14.08
N GLU A 65 8.79 -2.70 -14.70
CA GLU A 65 8.84 -3.75 -15.71
C GLU A 65 8.07 -3.27 -16.92
N PRO A 66 8.79 -2.89 -17.99
CA PRO A 66 10.25 -3.00 -18.15
C PRO A 66 11.05 -1.94 -17.36
N PRO A 67 12.35 -2.21 -17.09
CA PRO A 67 13.17 -1.35 -16.25
C PRO A 67 13.15 0.12 -16.62
N GLU A 68 12.97 0.44 -17.90
CA GLU A 68 13.05 1.82 -18.41
C GLU A 68 11.78 2.68 -18.21
N LEU A 69 10.74 2.16 -17.57
CA LEU A 69 9.53 2.96 -17.37
C LEU A 69 9.81 4.18 -16.49
N THR A 70 9.08 5.27 -16.70
CA THR A 70 9.17 6.41 -15.79
C THR A 70 8.45 6.02 -14.49
N LEU A 71 8.60 6.79 -13.43
CA LEU A 71 7.89 6.48 -12.18
C LEU A 71 6.39 6.41 -12.43
N GLU A 72 5.85 7.41 -13.12
CA GLU A 72 4.42 7.40 -13.44
C GLU A 72 3.96 6.09 -14.13
N GLU A 73 4.66 5.70 -15.18
CA GLU A 73 4.37 4.46 -15.91
C GLU A 73 4.51 3.21 -15.03
N ALA A 74 5.53 3.21 -14.17
CA ALA A 74 5.78 2.11 -13.23
C ALA A 74 4.69 1.97 -12.15
N GLN A 75 4.03 3.08 -11.83
CA GLN A 75 2.92 3.07 -10.86
C GLN A 75 1.68 2.39 -11.48
N TYR A 76 1.41 2.71 -12.74
CA TYR A 76 0.38 2.01 -13.48
C TYR A 76 0.67 0.53 -13.64
N ALA A 77 1.93 0.20 -13.92
CA ALA A 77 2.37 -1.19 -14.02
C ALA A 77 2.14 -1.98 -12.70
N LYS A 78 2.39 -1.36 -11.54
CA LYS A 78 2.14 -1.96 -10.21
C LYS A 78 0.67 -2.19 -9.94
N VAL A 79 -0.15 -1.20 -10.29
CA VAL A 79 -1.62 -1.36 -10.19
C VAL A 79 -2.04 -2.52 -11.07
N ASP A 80 -1.55 -2.54 -12.32
CA ASP A 80 -1.86 -3.67 -13.21
C ASP A 80 -1.37 -5.00 -12.61
N LEU A 81 -0.17 -5.01 -12.04
CA LEU A 81 0.39 -6.22 -11.44
C LEU A 81 -0.58 -6.80 -10.41
N ASN A 82 -1.13 -5.94 -9.54
CA ASN A 82 -2.07 -6.34 -8.50
C ASN A 82 -3.42 -6.76 -9.11
N LEU A 83 -3.98 -5.93 -9.99
CA LEU A 83 -5.31 -6.19 -10.54
C LEU A 83 -5.33 -7.45 -11.37
N ASP A 84 -4.24 -7.69 -12.10
CA ASP A 84 -4.16 -8.89 -12.96
C ASP A 84 -4.22 -10.20 -12.15
N LYS A 85 -3.93 -10.14 -10.86
CA LYS A 85 -3.95 -11.32 -10.01
C LYS A 85 -5.36 -11.70 -9.54
N LEU A 86 -6.34 -10.82 -9.78
CA LEU A 86 -7.63 -10.90 -9.09
C LEU A 86 -8.75 -11.61 -9.86
N ASP A 87 -8.53 -11.96 -11.14
CA ASP A 87 -9.58 -12.72 -11.87
C ASP A 87 -10.85 -11.87 -11.88
N LEU A 88 -10.68 -10.60 -12.23
CA LEU A 88 -11.78 -9.63 -12.26
C LEU A 88 -12.57 -9.75 -13.58
N LYS A 89 -13.90 -9.82 -13.49
CA LYS A 89 -14.73 -9.84 -14.69
C LYS A 89 -15.71 -8.66 -14.70
N PRO A 90 -16.13 -8.17 -15.91
CA PRO A 90 -17.09 -7.06 -15.98
C PRO A 90 -18.25 -7.23 -15.02
N GLY A 91 -18.63 -6.16 -14.35
CA GLY A 91 -19.79 -6.26 -13.44
C GLY A 91 -19.53 -6.72 -12.02
N MET A 92 -18.34 -7.23 -11.73
CA MET A 92 -17.93 -7.51 -10.34
C MET A 92 -17.75 -6.24 -9.55
N THR A 93 -17.71 -6.38 -8.23
CA THR A 93 -17.40 -5.23 -7.37
C THR A 93 -16.02 -5.47 -6.72
N LEU A 94 -15.11 -4.53 -6.93
CA LEU A 94 -13.78 -4.56 -6.34
C LEU A 94 -13.78 -3.64 -5.11
N LEU A 95 -13.25 -4.10 -4.00
CA LEU A 95 -13.02 -3.25 -2.83
C LEU A 95 -11.54 -2.88 -2.77
N ASP A 96 -11.23 -1.59 -2.65
CA ASP A 96 -9.86 -1.17 -2.42
C ASP A 96 -9.69 -0.69 -0.97
N ILE A 97 -8.91 -1.41 -0.15
CA ILE A 97 -8.85 -1.06 1.29
C ILE A 97 -7.61 -0.19 1.42
N GLY A 98 -7.81 1.09 1.72
CA GLY A 98 -6.73 2.07 1.83
C GLY A 98 -6.51 2.69 0.47
N CYS A 99 -7.54 3.35 -0.06
CA CYS A 99 -7.59 3.60 -1.50
C CYS A 99 -6.77 4.82 -1.96
N GLY A 100 -6.13 5.50 -1.03
CA GLY A 100 -5.28 6.64 -1.40
C GLY A 100 -6.03 7.69 -2.15
N TRP A 101 -5.44 8.19 -3.24
CA TRP A 101 -6.04 9.31 -3.96
C TRP A 101 -6.88 8.87 -5.20
N GLY A 102 -7.21 7.57 -5.30
CA GLY A 102 -8.22 7.03 -6.26
C GLY A 102 -7.71 6.36 -7.54
N THR A 103 -6.39 6.40 -7.79
CA THR A 103 -5.83 5.88 -9.04
C THR A 103 -6.08 4.43 -9.28
N THR A 104 -5.92 3.61 -8.24
CA THR A 104 -6.15 2.18 -8.40
C THR A 104 -7.60 1.90 -8.80
N MET A 105 -8.55 2.53 -8.13
CA MET A 105 -9.98 2.29 -8.43
C MET A 105 -10.35 2.73 -9.82
N ARG A 106 -9.85 3.91 -10.24
CA ARG A 106 -10.17 4.41 -11.54
C ARG A 106 -9.58 3.49 -12.59
N ARG A 107 -8.36 3.03 -12.38
CA ARG A 107 -7.73 2.09 -13.33
C ARG A 107 -8.50 0.79 -13.44
N ALA A 108 -9.00 0.27 -12.29
CA ALA A 108 -9.84 -0.94 -12.32
C ALA A 108 -11.13 -0.76 -13.13
N VAL A 109 -11.83 0.35 -12.91
CA VAL A 109 -13.04 0.63 -13.69
C VAL A 109 -12.74 0.70 -15.18
N GLU A 110 -11.72 1.49 -15.57
CA GLU A 110 -11.33 1.67 -16.98
C GLU A 110 -10.91 0.33 -17.64
N ARG A 111 -10.10 -0.48 -16.96
CA ARG A 111 -9.58 -1.68 -17.57
C ARG A 111 -10.52 -2.88 -17.49
N PHE A 112 -11.25 -3.00 -16.39
CA PHE A 112 -12.04 -4.21 -16.09
C PHE A 112 -13.56 -4.01 -16.11
N ASP A 113 -14.04 -2.76 -16.22
CA ASP A 113 -15.48 -2.52 -16.25
C ASP A 113 -16.12 -3.13 -14.99
N VAL A 114 -15.53 -2.84 -13.83
CA VAL A 114 -16.05 -3.30 -12.57
C VAL A 114 -16.63 -2.13 -11.79
N ASN A 115 -17.53 -2.45 -10.87
CA ASN A 115 -17.94 -1.47 -9.86
C ASN A 115 -16.84 -1.40 -8.83
N VAL A 116 -16.70 -0.28 -8.10
CA VAL A 116 -15.63 -0.14 -7.11
C VAL A 116 -16.11 0.51 -5.83
N ILE A 117 -15.52 0.08 -4.72
CA ILE A 117 -15.74 0.69 -3.39
C ILE A 117 -14.36 0.94 -2.78
N GLY A 118 -14.10 2.16 -2.31
CA GLY A 118 -12.80 2.46 -1.73
C GLY A 118 -13.00 2.80 -0.27
N LEU A 119 -12.05 2.40 0.58
CA LEU A 119 -12.06 2.83 1.97
C LEU A 119 -10.79 3.63 2.22
N THR A 120 -10.93 4.73 2.95
CA THR A 120 -9.79 5.50 3.41
C THR A 120 -10.12 6.11 4.74
N LEU A 121 -9.12 6.42 5.55
CA LEU A 121 -9.34 7.11 6.82
C LEU A 121 -8.92 8.57 6.73
N SER A 122 -8.44 9.02 5.56
CA SER A 122 -8.03 10.43 5.35
C SER A 122 -9.17 11.23 4.73
N LYS A 123 -9.57 12.33 5.38
CA LYS A 123 -10.64 13.17 4.84
C LYS A 123 -10.26 13.83 3.49
N ASN A 124 -8.99 14.23 3.36
CA ASN A 124 -8.39 14.77 2.13
C ASN A 124 -8.48 13.76 0.96
N GLN A 125 -7.98 12.56 1.18
CA GLN A 125 -8.05 11.48 0.19
C GLN A 125 -9.52 11.17 -0.16
N HIS A 126 -10.43 11.20 0.82
CA HIS A 126 -11.83 10.92 0.52
C HIS A 126 -12.36 11.96 -0.48
N ALA A 127 -12.03 13.23 -0.25
CA ALA A 127 -12.53 14.30 -1.10
C ALA A 127 -11.98 14.14 -2.52
N ARG A 128 -10.69 13.91 -2.65
CA ARG A 128 -10.09 13.81 -3.97
C ARG A 128 -10.67 12.60 -4.72
N CYS A 129 -10.76 11.45 -4.04
CA CYS A 129 -11.38 10.26 -4.60
C CYS A 129 -12.78 10.48 -5.08
N GLU A 130 -13.61 11.20 -4.31
CA GLU A 130 -14.97 11.48 -4.76
C GLU A 130 -14.90 12.15 -6.15
N GLN A 131 -13.99 13.13 -6.30
CA GLN A 131 -13.89 13.85 -7.58
C GLN A 131 -13.37 12.95 -8.74
N VAL A 132 -12.33 12.18 -8.46
CA VAL A 132 -11.77 11.18 -9.42
C VAL A 132 -12.86 10.20 -9.86
N LEU A 133 -13.53 9.61 -8.88
CA LEU A 133 -14.55 8.60 -9.20
C LEU A 133 -15.79 9.16 -9.91
N ALA A 134 -16.31 10.29 -9.45
CA ALA A 134 -17.58 10.79 -10.04
C ALA A 134 -17.43 11.14 -11.52
N SER A 135 -16.22 11.52 -11.93
CA SER A 135 -16.03 11.99 -13.30
C SER A 135 -15.58 10.90 -14.30
N ILE A 136 -15.58 9.64 -13.88
CA ILE A 136 -15.31 8.53 -14.78
C ILE A 136 -16.53 8.34 -15.70
N ASP A 137 -16.28 8.17 -16.99
CA ASP A 137 -17.33 7.86 -17.94
C ASP A 137 -17.64 6.37 -17.85
N THR A 138 -18.63 6.02 -17.06
CA THR A 138 -19.00 4.63 -16.88
C THR A 138 -20.41 4.57 -16.36
N ASN A 139 -21.07 3.43 -16.59
CA ASN A 139 -22.30 3.09 -15.90
C ASN A 139 -22.07 2.34 -14.58
N ARG A 140 -20.86 1.85 -14.34
CA ARG A 140 -20.57 1.12 -13.10
C ARG A 140 -20.71 2.00 -11.85
N SER A 141 -20.95 1.37 -10.71
CA SER A 141 -21.09 1.98 -9.39
C SER A 141 -19.71 2.32 -8.83
N ARG A 142 -19.51 3.54 -8.32
CA ARG A 142 -18.22 3.96 -7.71
C ARG A 142 -18.48 4.67 -6.41
N GLN A 143 -17.88 4.20 -5.31
CA GLN A 143 -18.16 4.77 -4.00
C GLN A 143 -16.89 4.82 -3.19
N VAL A 144 -16.66 5.91 -2.47
CA VAL A 144 -15.52 5.98 -1.56
C VAL A 144 -16.09 6.29 -0.17
N LEU A 145 -15.63 5.57 0.86
CA LEU A 145 -16.16 5.70 2.22
C LEU A 145 -15.07 6.12 3.16
N LEU A 146 -15.34 7.09 4.03
CA LEU A 146 -14.36 7.50 5.01
C LEU A 146 -14.56 6.60 6.21
N GLN A 147 -13.93 5.42 6.20
CA GLN A 147 -14.06 4.46 7.29
C GLN A 147 -13.01 3.39 7.11
N GLY A 148 -12.75 2.61 8.17
CA GLY A 148 -11.80 1.52 8.08
C GLY A 148 -12.47 0.22 7.68
N TRP A 149 -11.64 -0.76 7.32
CA TRP A 149 -12.17 -2.12 7.00
C TRP A 149 -12.94 -2.68 8.17
N GLU A 150 -12.60 -2.24 9.39
CA GLU A 150 -13.23 -2.75 10.61
C GLU A 150 -14.74 -2.49 10.58
N ASP A 151 -15.09 -1.39 9.93
CA ASP A 151 -16.46 -0.94 9.85
C ASP A 151 -17.16 -1.35 8.55
N PHE A 152 -16.46 -2.04 7.65
CA PHE A 152 -17.05 -2.35 6.36
C PHE A 152 -17.41 -3.82 6.33
N ALA A 153 -18.68 -4.14 6.07
CA ALA A 153 -19.09 -5.55 5.98
C ALA A 153 -20.15 -5.72 4.91
N GLU A 154 -19.83 -5.34 3.67
CA GLU A 154 -20.78 -5.46 2.58
C GLU A 154 -20.23 -6.43 1.52
N PRO A 155 -21.13 -7.11 0.80
CA PRO A 155 -20.58 -8.08 -0.16
C PRO A 155 -19.76 -7.43 -1.26
N VAL A 156 -18.57 -7.99 -1.50
CA VAL A 156 -17.76 -7.56 -2.64
C VAL A 156 -17.18 -8.83 -3.29
N ASP A 157 -16.70 -8.74 -4.55
CA ASP A 157 -16.19 -9.91 -5.24
C ASP A 157 -14.72 -10.16 -5.07
N ARG A 158 -13.95 -9.06 -5.03
CA ARG A 158 -12.46 -9.15 -5.00
C ARG A 158 -11.93 -7.99 -4.16
N ILE A 159 -10.73 -8.15 -3.61
CA ILE A 159 -10.21 -7.07 -2.77
C ILE A 159 -8.78 -6.78 -3.15
N VAL A 160 -8.44 -5.50 -3.24
CA VAL A 160 -7.05 -5.08 -3.36
C VAL A 160 -6.64 -4.19 -2.18
N SER A 161 -5.42 -4.35 -1.65
CA SER A 161 -5.00 -3.49 -0.54
C SER A 161 -3.52 -3.21 -0.71
N ILE A 162 -3.19 -1.98 -1.06
CA ILE A 162 -1.81 -1.67 -1.38
C ILE A 162 -1.27 -0.73 -0.34
N GLU A 163 -0.44 -1.27 0.53
CA GLU A 163 0.35 -0.51 1.50
C GLU A 163 -0.49 0.25 2.50
N ALA A 164 -1.63 -0.34 2.82
CA ALA A 164 -2.41 0.06 3.97
C ALA A 164 -2.15 -0.91 5.15
N PHE A 165 -1.76 -2.15 4.83
CA PHE A 165 -1.66 -3.23 5.87
C PHE A 165 -0.71 -2.83 7.03
N GLU A 166 0.30 -2.01 6.73
CA GLU A 166 1.30 -1.59 7.73
C GLU A 166 0.66 -0.70 8.81
N HIS A 167 -0.51 -0.11 8.51
CA HIS A 167 -1.24 0.71 9.49
C HIS A 167 -2.10 -0.06 10.45
N PHE A 168 -2.40 -1.33 10.14
CA PHE A 168 -3.44 -2.11 10.87
C PHE A 168 -3.06 -2.54 12.30
N GLY A 169 -1.82 -2.93 12.50
CA GLY A 169 -1.42 -3.46 13.83
C GLY A 169 -1.61 -4.97 13.96
N HIS A 170 -0.64 -5.61 14.60
CA HIS A 170 -0.54 -7.07 14.67
C HIS A 170 -1.79 -7.71 15.25
N GLU A 171 -2.32 -7.08 16.30
CA GLU A 171 -3.47 -7.57 17.04
C GLU A 171 -4.73 -7.71 16.18
N ASN A 172 -4.77 -7.01 15.04
CA ASN A 172 -5.96 -7.00 14.20
C ASN A 172 -5.84 -7.86 12.95
N TYR A 173 -4.75 -8.62 12.81
CA TYR A 173 -4.59 -9.41 11.59
C TYR A 173 -5.61 -10.51 11.46
N ASP A 174 -5.89 -11.25 12.53
CA ASP A 174 -6.87 -12.36 12.38
C ASP A 174 -8.22 -11.79 11.99
N ASP A 175 -8.60 -10.67 12.58
CA ASP A 175 -9.86 -10.04 12.23
C ASP A 175 -9.91 -9.54 10.81
N PHE A 176 -8.81 -8.97 10.31
CA PHE A 176 -8.75 -8.45 8.94
C PHE A 176 -8.98 -9.59 7.94
N PHE A 177 -8.21 -10.67 8.11
CA PHE A 177 -8.31 -11.77 7.16
C PHE A 177 -9.64 -12.51 7.25
N LYS A 178 -10.18 -12.59 8.44
CA LYS A 178 -11.52 -13.19 8.61
C LYS A 178 -12.56 -12.35 7.84
N ARG A 179 -12.48 -11.03 7.98
CA ARG A 179 -13.46 -10.14 7.36
C ARG A 179 -13.35 -10.25 5.85
N CYS A 180 -12.14 -10.12 5.32
CA CYS A 180 -11.91 -10.29 3.90
C CYS A 180 -12.45 -11.62 3.38
N PHE A 181 -12.19 -12.71 4.07
CA PHE A 181 -12.67 -14.03 3.66
C PHE A 181 -14.20 -14.01 3.58
N ASN A 182 -14.82 -13.46 4.61
CA ASN A 182 -16.27 -13.53 4.80
C ASN A 182 -17.08 -12.67 3.82
N ILE A 183 -16.56 -11.50 3.40
CA ILE A 183 -17.34 -10.63 2.51
C ILE A 183 -17.28 -11.03 1.04
N MET A 184 -16.38 -11.96 0.73
CA MET A 184 -16.17 -12.40 -0.63
C MET A 184 -16.97 -13.69 -1.01
N PRO A 185 -17.25 -13.91 -2.32
CA PRO A 185 -17.93 -15.14 -2.77
C PRO A 185 -16.99 -16.35 -2.76
N ALA A 186 -17.50 -17.52 -3.13
CA ALA A 186 -16.70 -18.75 -3.15
C ALA A 186 -15.42 -18.61 -3.97
N ASP A 187 -15.47 -17.86 -5.07
CA ASP A 187 -14.26 -17.66 -5.92
C ASP A 187 -13.43 -16.39 -5.63
N GLY A 188 -13.63 -15.78 -4.44
CA GLY A 188 -12.95 -14.53 -4.08
C GLY A 188 -11.44 -14.62 -4.10
N ARG A 189 -10.82 -13.49 -4.37
CA ARG A 189 -9.37 -13.39 -4.32
C ARG A 189 -9.02 -12.01 -3.77
N MET A 190 -7.86 -11.87 -3.16
CA MET A 190 -7.43 -10.58 -2.64
C MET A 190 -5.93 -10.49 -2.82
N THR A 191 -5.41 -9.29 -3.07
CA THR A 191 -3.97 -9.08 -3.01
C THR A 191 -3.69 -8.07 -1.93
N VAL A 192 -2.56 -8.28 -1.25
CA VAL A 192 -2.13 -7.33 -0.22
C VAL A 192 -0.67 -7.07 -0.51
N GLN A 193 -0.33 -5.83 -0.78
CA GLN A 193 1.06 -5.43 -0.98
C GLN A 193 1.50 -4.68 0.27
N SER A 194 2.63 -5.06 0.88
CA SER A 194 3.03 -4.36 2.11
C SER A 194 4.53 -4.41 2.28
N SER A 195 5.11 -3.33 2.80
CA SER A 195 6.48 -3.39 3.36
C SER A 195 6.50 -4.39 4.54
N VAL A 196 7.65 -5.04 4.72
CA VAL A 196 7.80 -6.03 5.76
C VAL A 196 9.20 -5.90 6.37
N SER A 197 9.31 -6.42 7.59
CA SER A 197 10.57 -6.56 8.29
C SER A 197 10.80 -8.06 8.50
N TYR A 198 11.85 -8.39 9.24
CA TYR A 198 12.10 -9.77 9.58
C TYR A 198 12.01 -9.89 11.10
N HIS A 199 11.79 -11.10 11.60
CA HIS A 199 11.81 -11.33 13.05
C HIS A 199 13.18 -10.93 13.63
N PRO A 200 13.19 -10.29 14.82
CA PRO A 200 14.46 -9.83 15.44
C PRO A 200 15.59 -10.88 15.46
N TYR A 201 15.23 -12.17 15.45
CA TYR A 201 16.19 -13.29 15.37
C TYR A 201 16.84 -13.41 13.98
N GLU A 202 16.02 -13.32 12.93
CA GLU A 202 16.46 -13.29 11.53
C GLU A 202 17.43 -12.14 11.28
N MET A 203 17.13 -10.99 11.89
CA MET A 203 17.97 -9.80 11.81
C MET A 203 19.31 -9.93 12.55
N ALA A 204 19.28 -10.42 13.80
CA ALA A 204 20.51 -10.58 14.61
C ALA A 204 21.58 -11.47 13.93
N ALA A 205 21.13 -12.34 13.01
CA ALA A 205 22.02 -13.13 12.13
C ALA A 205 22.89 -12.26 11.22
N ARG A 206 22.42 -11.06 10.90
CA ARG A 206 23.17 -10.08 10.11
C ARG A 206 24.13 -9.21 10.93
N GLY A 207 24.20 -9.49 12.22
CA GLY A 207 25.03 -8.67 13.09
C GLY A 207 24.15 -7.84 14.00
N LYS A 208 24.56 -7.73 15.26
CA LYS A 208 23.79 -7.03 16.28
C LYS A 208 23.69 -5.51 15.97
N LYS A 209 24.77 -4.92 15.46
CA LYS A 209 24.79 -3.48 15.21
C LYS A 209 23.71 -3.04 14.27
N LEU A 210 23.68 -3.64 13.08
CA LEU A 210 22.71 -3.31 12.05
C LEU A 210 21.29 -3.71 12.47
N SER A 211 21.18 -4.82 13.18
CA SER A 211 19.88 -5.29 13.69
C SER A 211 19.13 -4.28 14.61
N PHE A 212 19.84 -3.70 15.60
CA PHE A 212 19.24 -2.71 16.48
C PHE A 212 18.94 -1.41 15.75
N GLU A 213 19.84 -1.02 14.86
CA GLU A 213 19.69 0.19 14.08
C GLU A 213 18.47 0.09 13.15
N THR A 214 18.23 -1.10 12.57
CA THR A 214 17.04 -1.30 11.72
C THR A 214 15.79 -1.24 12.57
N ALA A 215 15.81 -1.91 13.72
CA ALA A 215 14.65 -1.87 14.63
C ALA A 215 14.26 -0.44 15.04
N ARG A 216 15.25 0.39 15.39
CA ARG A 216 15.05 1.84 15.59
C ARG A 216 14.47 2.58 14.38
N PHE A 217 15.01 2.35 13.19
CA PHE A 217 14.46 3.01 12.02
C PHE A 217 13.01 2.62 11.77
N ILE A 218 12.69 1.34 11.90
CA ILE A 218 11.29 0.87 11.77
C ILE A 218 10.34 1.54 12.79
N LYS A 219 10.80 1.67 14.04
CA LYS A 219 10.04 2.45 15.04
C LYS A 219 9.81 3.91 14.59
N PHE A 220 10.82 4.53 13.96
CA PHE A 220 10.66 5.87 13.37
C PHE A 220 9.55 5.87 12.30
N ILE A 221 9.55 4.92 11.39
CA ILE A 221 8.54 4.89 10.32
C ILE A 221 7.12 4.85 10.91
N VAL A 222 6.97 4.00 11.89
CA VAL A 222 5.70 3.66 12.49
C VAL A 222 5.32 4.65 13.65
N THR A 223 6.14 5.69 13.83
CA THR A 223 5.83 6.78 14.78
C THR A 223 5.62 8.09 14.02
N GLU A 224 6.53 8.38 13.11
CA GLU A 224 6.53 9.69 12.49
C GLU A 224 5.99 9.72 11.06
N ILE A 225 6.01 8.59 10.37
CA ILE A 225 5.57 8.58 8.97
C ILE A 225 4.17 7.99 8.84
N PHE A 226 3.97 6.82 9.45
CA PHE A 226 2.68 6.13 9.54
C PHE A 226 2.36 5.84 11.01
N PRO A 227 1.93 6.88 11.76
CA PRO A 227 1.70 6.73 13.20
C PRO A 227 0.71 5.60 13.57
N GLY A 228 1.03 4.84 14.62
CA GLY A 228 0.20 3.68 15.03
C GLY A 228 0.40 2.41 14.20
N GLY A 229 1.29 2.47 13.23
CA GLY A 229 1.52 1.35 12.35
C GLY A 229 2.38 0.31 13.02
N ARG A 230 2.63 -0.77 12.29
CA ARG A 230 3.49 -1.88 12.74
C ARG A 230 3.80 -2.64 11.46
N LEU A 231 5.08 -2.84 11.14
CA LEU A 231 5.39 -3.60 9.93
C LEU A 231 5.27 -5.08 10.23
N PRO A 232 4.58 -5.85 9.36
CA PRO A 232 4.52 -7.31 9.55
C PRO A 232 5.78 -7.99 9.02
N SER A 233 5.92 -9.31 9.21
CA SER A 233 6.86 -10.05 8.37
C SER A 233 6.01 -10.66 7.25
N THR A 234 6.63 -10.99 6.13
CA THR A 234 5.99 -11.83 5.14
C THR A 234 5.32 -13.08 5.77
N GLU A 235 6.02 -13.74 6.71
CA GLU A 235 5.48 -14.94 7.33
C GLU A 235 4.15 -14.65 8.05
N MET A 236 4.03 -13.51 8.75
CA MET A 236 2.77 -13.16 9.40
C MET A 236 1.63 -12.93 8.40
N MET A 237 1.92 -12.20 7.32
CA MET A 237 0.97 -11.99 6.21
C MET A 237 0.43 -13.30 5.64
N VAL A 238 1.32 -14.25 5.42
CA VAL A 238 0.96 -15.56 4.88
C VAL A 238 0.17 -16.41 5.89
N GLU A 239 0.69 -16.54 7.09
CA GLU A 239 0.10 -17.46 8.06
C GLU A 239 -1.28 -17.00 8.52
N HIS A 240 -1.45 -15.69 8.69
CA HIS A 240 -2.75 -15.17 9.10
C HIS A 240 -3.79 -15.38 8.01
N GLY A 241 -3.37 -15.26 6.75
CA GLY A 241 -4.28 -15.50 5.62
C GLY A 241 -4.69 -16.97 5.63
N GLU A 242 -3.71 -17.84 5.78
CA GLU A 242 -3.99 -19.28 5.84
C GLU A 242 -4.90 -19.67 7.00
N LYS A 243 -4.67 -19.11 8.18
CA LYS A 243 -5.53 -19.40 9.37
C LYS A 243 -7.01 -19.11 9.04
N ALA A 244 -7.25 -18.02 8.29
CA ALA A 244 -8.60 -17.59 7.84
C ALA A 244 -9.14 -18.47 6.73
N GLY A 245 -8.28 -19.30 6.15
CA GLY A 245 -8.74 -20.30 5.18
C GLY A 245 -8.30 -20.08 3.75
N PHE A 246 -7.55 -19.01 3.49
CA PHE A 246 -7.08 -18.73 2.15
C PHE A 246 -5.95 -19.69 1.71
N THR A 247 -5.89 -19.92 0.41
CA THR A 247 -4.72 -20.54 -0.22
C THR A 247 -3.76 -19.42 -0.49
N VAL A 248 -2.49 -19.60 -0.12
CA VAL A 248 -1.52 -18.51 -0.31
C VAL A 248 -0.29 -18.99 -1.14
N PRO A 249 -0.20 -18.57 -2.43
CA PRO A 249 0.92 -18.92 -3.32
C PRO A 249 2.20 -18.22 -2.85
N GLU A 250 3.33 -18.44 -3.54
CA GLU A 250 4.57 -17.80 -3.06
C GLU A 250 4.48 -16.27 -3.23
N PRO A 251 4.73 -15.51 -2.16
CA PRO A 251 4.69 -14.06 -2.28
C PRO A 251 5.72 -13.54 -3.26
N LEU A 252 5.41 -12.41 -3.88
CA LEU A 252 6.34 -11.76 -4.79
C LEU A 252 7.09 -10.68 -4.02
N SER A 253 8.43 -10.74 -4.05
CA SER A 253 9.24 -9.68 -3.45
C SER A 253 9.36 -8.52 -4.43
N LEU A 254 9.13 -7.30 -3.98
CA LEU A 254 9.27 -6.14 -4.80
C LEU A 254 10.49 -5.27 -4.41
N ARG A 255 11.41 -5.81 -3.62
CA ARG A 255 12.50 -4.98 -3.03
C ARG A 255 13.31 -4.14 -4.07
N PRO A 256 13.76 -4.76 -5.19
CA PRO A 256 14.56 -3.94 -6.15
C PRO A 256 13.74 -2.77 -6.70
N HIS A 257 12.44 -2.99 -6.91
CA HIS A 257 11.56 -1.95 -7.40
C HIS A 257 11.36 -0.81 -6.40
N TYR A 258 11.31 -1.13 -5.10
CA TYR A 258 11.16 -0.10 -4.05
C TYR A 258 12.41 0.74 -3.94
N ILE A 259 13.57 0.08 -4.06
CA ILE A 259 14.84 0.80 -4.16
C ILE A 259 14.75 1.91 -5.20
N LYS A 260 14.36 1.59 -6.43
CA LYS A 260 14.22 2.60 -7.49
C LYS A 260 13.16 3.66 -7.18
N THR A 261 12.01 3.23 -6.68
CA THR A 261 10.92 4.12 -6.31
C THR A 261 11.39 5.16 -5.29
N LEU A 262 12.03 4.68 -4.21
CA LEU A 262 12.50 5.58 -3.14
C LEU A 262 13.59 6.53 -3.59
N ARG A 263 14.48 6.07 -4.46
CA ARG A 263 15.53 6.94 -5.03
C ARG A 263 14.86 8.09 -5.76
N ILE A 264 13.94 7.79 -6.67
CA ILE A 264 13.23 8.81 -7.44
C ILE A 264 12.46 9.76 -6.53
N TRP A 265 11.68 9.22 -5.59
CA TRP A 265 11.00 10.06 -4.58
C TRP A 265 11.97 10.99 -3.85
N GLY A 266 13.05 10.41 -3.33
CA GLY A 266 13.99 11.17 -2.54
C GLY A 266 14.63 12.25 -3.38
N ASP A 267 14.99 11.91 -4.62
CA ASP A 267 15.59 12.90 -5.52
C ASP A 267 14.58 14.02 -5.81
N THR A 268 13.29 13.68 -6.00
CA THR A 268 12.28 14.71 -6.29
C THR A 268 12.02 15.66 -5.11
N LEU A 269 11.84 15.11 -3.92
CA LEU A 269 11.67 15.95 -2.74
C LEU A 269 12.84 16.91 -2.56
N GLN A 270 14.06 16.39 -2.71
CA GLN A 270 15.25 17.20 -2.54
C GLN A 270 15.26 18.36 -3.57
N SER A 271 15.00 18.04 -4.83
CA SER A 271 14.86 19.05 -5.88
C SER A 271 13.77 20.10 -5.56
N ASN A 272 12.74 19.68 -4.83
CA ASN A 272 11.63 20.58 -4.45
C ASN A 272 11.72 21.13 -3.03
N LYS A 273 12.95 21.22 -2.50
CA LYS A 273 13.17 21.50 -1.09
C LYS A 273 12.54 22.80 -0.60
N ASP A 274 12.92 23.91 -1.24
CA ASP A 274 12.36 25.22 -0.95
C ASP A 274 10.83 25.21 -0.96
N LYS A 275 10.21 24.61 -1.98
CA LYS A 275 8.74 24.51 -2.05
C LYS A 275 8.19 23.71 -0.85
N ALA A 276 8.83 22.57 -0.54
CA ALA A 276 8.38 21.68 0.55
C ALA A 276 8.38 22.40 1.91
N ILE A 277 9.45 23.14 2.17
CA ILE A 277 9.58 23.88 3.42
C ILE A 277 8.49 24.96 3.53
N GLU A 278 8.24 25.68 2.44
CA GLU A 278 7.21 26.72 2.43
C GLU A 278 5.79 26.14 2.51
N VAL A 279 5.59 24.95 1.95
CA VAL A 279 4.33 24.18 2.14
C VAL A 279 4.14 23.70 3.60
N THR A 280 5.23 23.30 4.26
CA THR A 280 5.16 22.79 5.64
C THR A 280 6.21 23.44 6.54
N SER A 281 7.30 22.73 6.81
CA SER A 281 8.38 23.23 7.65
C SER A 281 9.68 22.52 7.34
N GLU A 282 10.77 23.01 7.92
CA GLU A 282 12.07 22.35 7.80
C GLU A 282 11.97 20.97 8.45
N GLU A 283 11.15 20.88 9.50
CA GLU A 283 10.93 19.65 10.26
C GLU A 283 10.34 18.53 9.39
N VAL A 284 9.24 18.82 8.70
CA VAL A 284 8.57 17.86 7.82
C VAL A 284 9.47 17.46 6.67
N TYR A 285 10.18 18.43 6.09
CA TYR A 285 11.09 18.16 4.99
C TYR A 285 12.19 17.16 5.38
N ASN A 286 12.85 17.45 6.51
CA ASN A 286 13.89 16.59 7.06
C ASN A 286 13.34 15.21 7.47
N ARG A 287 12.15 15.21 8.09
CA ARG A 287 11.46 13.96 8.42
C ARG A 287 11.28 13.05 7.20
N TYR A 288 10.76 13.59 6.10
CA TYR A 288 10.55 12.80 4.87
C TYR A 288 11.83 12.41 4.14
N MET A 289 12.86 13.25 4.22
CA MET A 289 14.17 12.90 3.62
C MET A 289 14.86 11.77 4.39
N LYS A 290 14.79 11.81 5.72
CA LYS A 290 15.27 10.69 6.52
C LYS A 290 14.51 9.38 6.17
N TYR A 291 13.21 9.46 6.01
CA TYR A 291 12.40 8.31 5.70
C TYR A 291 12.77 7.76 4.32
N LEU A 292 12.86 8.65 3.35
CA LEU A 292 13.06 8.23 1.95
C LEU A 292 14.47 7.67 1.78
N ARG A 293 15.49 8.44 2.20
CA ARG A 293 16.90 8.00 2.15
C ARG A 293 17.14 6.75 3.01
N GLY A 294 16.58 6.72 4.22
CA GLY A 294 16.70 5.58 5.10
C GLY A 294 16.06 4.32 4.57
N CYS A 295 14.85 4.43 4.04
CA CYS A 295 14.21 3.26 3.45
C CYS A 295 15.04 2.74 2.28
N GLU A 296 15.51 3.64 1.41
CA GLU A 296 16.33 3.22 0.28
C GLU A 296 17.55 2.41 0.81
N HIS A 297 18.16 2.92 1.89
CA HIS A 297 19.34 2.27 2.48
C HIS A 297 19.03 0.86 3.05
N TYR A 298 17.95 0.73 3.82
CA TYR A 298 17.64 -0.54 4.45
C TYR A 298 17.13 -1.60 3.48
N PHE A 299 16.43 -1.16 2.43
CA PHE A 299 16.06 -2.07 1.35
C PHE A 299 17.31 -2.58 0.61
N THR A 300 18.22 -1.66 0.26
CA THR A 300 19.52 -2.02 -0.33
C THR A 300 20.29 -3.02 0.51
N ASP A 301 20.32 -2.81 1.83
CA ASP A 301 21.02 -3.69 2.78
C ASP A 301 20.22 -4.95 3.14
N GLU A 302 19.04 -5.11 2.54
CA GLU A 302 18.21 -6.30 2.69
C GLU A 302 17.68 -6.52 4.11
N MET A 303 17.50 -5.41 4.82
CA MET A 303 16.91 -5.39 6.17
C MET A 303 15.40 -5.10 6.13
N LEU A 304 14.91 -4.72 4.97
CA LEU A 304 13.47 -4.56 4.72
C LEU A 304 13.14 -5.24 3.41
N ASP A 305 11.88 -5.66 3.26
CA ASP A 305 11.43 -6.22 1.99
C ASP A 305 10.04 -5.59 1.71
N CYS A 306 9.47 -5.90 0.56
CA CYS A 306 8.12 -5.48 0.24
C CYS A 306 7.51 -6.65 -0.46
N SER A 307 6.42 -7.19 0.09
CA SER A 307 5.77 -8.41 -0.44
C SER A 307 4.42 -8.10 -1.05
N LEU A 308 4.15 -8.67 -2.22
CA LEU A 308 2.79 -8.70 -2.79
C LEU A 308 2.25 -10.12 -2.58
N VAL A 309 1.31 -10.26 -1.66
CA VAL A 309 0.77 -11.60 -1.28
C VAL A 309 -0.62 -11.73 -1.86
N THR A 310 -0.87 -12.86 -2.53
CA THR A 310 -2.19 -13.23 -3.06
C THR A 310 -2.89 -14.26 -2.14
N TYR A 311 -4.18 -14.04 -1.90
CA TYR A 311 -4.99 -14.87 -1.05
C TYR A 311 -6.12 -15.38 -1.95
N LEU A 312 -6.21 -16.71 -2.07
CA LEU A 312 -7.23 -17.30 -2.94
C LEU A 312 -8.19 -18.08 -2.05
N LYS A 313 -9.48 -17.85 -2.23
CA LYS A 313 -10.48 -18.69 -1.53
C LYS A 313 -10.54 -20.12 -2.10
N PRO A 314 -11.01 -21.09 -1.30
CA PRO A 314 -11.09 -22.47 -1.78
C PRO A 314 -11.69 -22.65 -3.19
N GLY A 315 -12.69 -21.84 -3.55
CA GLY A 315 -13.37 -21.97 -4.85
C GLY A 315 -12.83 -21.04 -5.93
N ALA A 316 -11.65 -20.44 -5.69
CA ALA A 316 -11.08 -19.50 -6.65
C ALA A 316 -10.76 -20.21 -7.97
N ALA A 317 -10.83 -19.47 -9.09
CA ALA A 317 -10.52 -20.06 -10.40
C ALA A 317 -9.08 -20.55 -10.41
N ALA A 318 -8.83 -21.59 -11.22
CA ALA A 318 -7.49 -22.12 -11.44
C ALA A 318 -6.75 -21.26 -12.44
#